data_7LGO
#
_entry.id   7LGO
#
_cell.length_a   76.672
_cell.length_b   76.672
_cell.length_c   204.146
_cell.angle_alpha   90.000
_cell.angle_beta   90.000
_cell.angle_gamma   120.000
#
_symmetry.space_group_name_H-M   'P 65 2 2'
#
loop_
_entity.id
_entity.type
_entity.pdbx_description
1 polymer 'Non-structural protein 3'
2 water water
#
_entity_poly.entity_id   1
_entity_poly.type   'polypeptide(L)'
_entity_poly.pdbx_seq_one_letter_code
;FTEQPIDLVPNQPYPNASFDNFKFVCDNIKFADDLNQLTGYKKPASRELKVTFFPDLNGDVVAIDYKHYTPSFKKGAKLL
HKPIVWHVNNATNKATYKPNTWCIRCLWSTKPVET
;
_entity_poly.pdbx_strand_id   A,B
#
# COMPACT_ATOMS: atom_id res chain seq x y z
N PHE A 1 16.00 -11.79 1.20
CA PHE A 1 15.97 -10.39 0.78
C PHE A 1 14.59 -9.85 0.60
N THR A 2 14.36 -8.66 1.14
CA THR A 2 13.21 -7.86 0.77
C THR A 2 13.73 -6.47 0.38
N GLU A 3 13.36 -6.03 -0.82
CA GLU A 3 13.94 -4.84 -1.41
C GLU A 3 13.79 -3.63 -0.51
N GLN A 4 14.90 -3.17 0.07
CA GLN A 4 14.92 -1.95 0.85
C GLN A 4 15.15 -0.75 -0.06
N PRO A 5 14.53 0.39 0.23
CA PRO A 5 14.78 1.59 -0.59
C PRO A 5 16.19 2.11 -0.37
N ILE A 6 17.09 1.74 -1.28
CA ILE A 6 18.51 1.98 -1.07
C ILE A 6 18.96 3.32 -1.64
N ASP A 7 18.29 3.80 -2.67
CA ASP A 7 18.73 4.98 -3.42
C ASP A 7 17.99 6.23 -2.98
N LEU A 8 17.90 6.42 -1.66
CA LEU A 8 17.24 7.57 -1.08
C LEU A 8 18.27 8.66 -0.82
N VAL A 9 17.99 9.86 -1.32
CA VAL A 9 18.88 11.01 -1.11
C VAL A 9 18.04 12.17 -0.58
N PRO A 10 18.68 13.11 0.11
CA PRO A 10 17.95 14.28 0.60
C PRO A 10 17.44 15.14 -0.54
N ASN A 11 16.24 15.70 -0.34
CA ASN A 11 15.69 16.70 -1.23
C ASN A 11 15.26 17.90 -0.40
N GLN A 12 14.96 19.00 -1.09
CA GLN A 12 14.68 20.25 -0.42
C GLN A 12 13.78 21.10 -1.31
N PRO A 13 12.73 21.72 -0.77
CA PRO A 13 11.89 22.58 -1.59
C PRO A 13 12.69 23.78 -2.10
N TYR A 14 12.18 24.39 -3.16
CA TYR A 14 12.99 25.47 -3.69
C TYR A 14 12.55 26.80 -3.08
N PRO A 15 13.51 27.71 -2.83
CA PRO A 15 13.13 29.07 -2.43
C PRO A 15 12.32 29.73 -3.54
N ASN A 16 11.55 30.75 -3.15
CA ASN A 16 10.63 31.43 -4.05
C ASN A 16 9.61 30.46 -4.62
N ALA A 17 9.09 29.58 -3.76
CA ALA A 17 8.26 28.47 -4.22
C ALA A 17 6.83 28.91 -4.51
N SER A 18 6.19 28.19 -5.44
CA SER A 18 4.82 28.41 -5.88
C SER A 18 4.06 27.09 -5.73
N PHE A 19 2.87 27.13 -5.13
CA PHE A 19 2.06 25.92 -5.04
C PHE A 19 1.24 25.78 -6.32
N ASP A 20 1.58 24.77 -7.13
CA ASP A 20 0.71 24.39 -8.22
C ASP A 20 -0.55 23.76 -7.67
N ASN A 21 -1.69 24.12 -8.25
CA ASN A 21 -2.97 23.57 -7.80
C ASN A 21 -3.12 22.13 -8.25
N PHE A 22 -2.21 21.26 -7.83
CA PHE A 22 -2.24 19.85 -8.19
C PHE A 22 -2.89 19.03 -7.08
N LYS A 23 -3.27 17.81 -7.42
CA LYS A 23 -3.89 16.90 -6.48
C LYS A 23 -3.15 15.57 -6.47
N PHE A 24 -3.20 14.89 -5.33
CA PHE A 24 -2.70 13.53 -5.24
C PHE A 24 -3.82 12.56 -5.62
N VAL A 25 -3.45 11.51 -6.34
CA VAL A 25 -4.36 10.41 -6.64
C VAL A 25 -3.62 9.11 -6.36
N CYS A 26 -4.34 8.14 -5.79
CA CYS A 26 -3.72 6.87 -5.41
C CYS A 26 -4.83 5.89 -5.06
N ASP A 27 -4.56 4.61 -5.36
CA ASP A 27 -5.54 3.57 -5.06
C ASP A 27 -5.94 3.58 -3.59
N ASN A 28 -5.02 3.90 -2.70
CA ASN A 28 -5.35 4.16 -1.30
C ASN A 28 -5.85 5.58 -1.20
N ILE A 29 -7.14 5.75 -1.51
CA ILE A 29 -7.74 7.09 -1.55
C ILE A 29 -7.71 7.73 -0.16
N LYS A 30 -7.69 6.92 0.90
CA LYS A 30 -7.51 7.48 2.23
C LYS A 30 -6.15 8.13 2.38
N PHE A 31 -5.11 7.51 1.81
CA PHE A 31 -3.78 8.11 1.84
C PHE A 31 -3.69 9.34 0.95
N ALA A 32 -4.39 9.34 -0.18
CA ALA A 32 -4.34 10.49 -1.09
C ALA A 32 -5.07 11.70 -0.50
N ASP A 33 -6.25 11.47 0.08
CA ASP A 33 -7.00 12.58 0.66
C ASP A 33 -6.30 13.14 1.90
N ASP A 34 -5.60 12.30 2.65
CA ASP A 34 -4.81 12.80 3.77
C ASP A 34 -3.65 13.65 3.27
N LEU A 35 -3.05 13.27 2.14
CA LEU A 35 -2.00 14.10 1.55
C LEU A 35 -2.58 15.35 0.91
N ASN A 36 -3.70 15.22 0.20
CA ASN A 36 -4.37 16.38 -0.38
C ASN A 36 -4.85 17.35 0.69
N GLN A 37 -5.06 16.87 1.91
CA GLN A 37 -5.47 17.75 3.00
C GLN A 37 -4.35 18.72 3.38
N LEU A 38 -3.11 18.34 3.12
CA LEU A 38 -1.96 19.17 3.47
C LEU A 38 -1.53 20.11 2.36
N THR A 39 -2.16 20.04 1.19
CA THR A 39 -1.76 20.83 0.03
C THR A 39 -2.67 22.01 -0.25
N GLY A 40 -3.98 21.84 -0.06
CA GLY A 40 -4.92 22.87 -0.42
C GLY A 40 -5.52 22.71 -1.80
N TYR A 41 -5.71 21.47 -2.25
CA TYR A 41 -6.19 21.20 -3.59
C TYR A 41 -7.67 21.55 -3.70
N LYS A 42 -8.00 22.41 -4.65
CA LYS A 42 -9.39 22.77 -4.96
C LYS A 42 -9.74 22.24 -6.34
N LYS A 43 -10.99 21.81 -6.49
CA LYS A 43 -11.43 21.27 -7.77
C LYS A 43 -11.62 22.41 -8.77
N PRO A 44 -11.24 22.19 -10.05
CA PRO A 44 -10.59 20.97 -10.49
C PRO A 44 -9.07 21.08 -10.42
N ALA A 45 -8.39 19.94 -10.31
CA ALA A 45 -6.94 19.94 -10.25
C ALA A 45 -6.35 20.27 -11.62
N SER A 46 -5.28 21.06 -11.62
CA SER A 46 -4.57 21.31 -12.87
C SER A 46 -3.91 20.03 -13.37
N ARG A 47 -3.35 19.24 -12.46
CA ARG A 47 -2.76 17.95 -12.83
C ARG A 47 -2.95 16.96 -11.69
N GLU A 48 -2.70 15.69 -12.00
CA GLU A 48 -2.81 14.59 -11.05
C GLU A 48 -1.46 13.92 -10.91
N LEU A 49 -1.03 13.75 -9.67
CA LEU A 49 0.23 13.07 -9.35
C LEU A 49 -0.12 11.72 -8.73
N LYS A 50 -0.10 10.67 -9.55
CA LYS A 50 -0.41 9.33 -9.06
C LYS A 50 0.65 8.90 -8.05
N VAL A 51 0.21 8.57 -6.84
CA VAL A 51 1.09 8.12 -5.77
C VAL A 51 1.07 6.59 -5.73
N THR A 52 2.24 5.99 -5.87
CA THR A 52 2.41 4.55 -5.75
C THR A 52 3.24 4.25 -4.51
N PHE A 53 2.97 3.11 -3.88
CA PHE A 53 3.70 2.69 -2.71
C PHE A 53 4.93 1.89 -3.12
N PHE A 54 6.06 2.18 -2.47
CA PHE A 54 7.28 1.43 -2.72
C PHE A 54 7.04 -0.05 -2.43
N PRO A 55 7.62 -0.97 -3.22
CA PRO A 55 8.58 -0.78 -4.31
C PRO A 55 7.95 -0.41 -5.65
N ASP A 56 6.62 -0.41 -5.73
CA ASP A 56 5.94 0.03 -6.94
C ASP A 56 6.22 1.52 -7.16
N LEU A 57 7.03 1.83 -8.18
CA LEU A 57 7.35 3.21 -8.51
C LEU A 57 6.79 3.62 -9.86
N ASN A 58 5.62 3.12 -10.24
CA ASN A 58 5.08 3.53 -11.52
C ASN A 58 4.27 4.83 -11.42
N GLY A 59 4.03 5.31 -10.20
CA GLY A 59 3.42 6.63 -10.03
C GLY A 59 4.45 7.73 -10.00
N ASP A 60 3.98 8.96 -10.17
CA ASP A 60 4.89 10.10 -10.20
C ASP A 60 5.48 10.37 -8.81
N VAL A 61 4.84 9.88 -7.76
CA VAL A 61 5.36 9.99 -6.40
C VAL A 61 5.38 8.60 -5.78
N VAL A 62 6.50 8.26 -5.13
CA VAL A 62 6.66 6.97 -4.45
C VAL A 62 6.50 7.20 -2.95
N ALA A 63 5.80 6.29 -2.29
CA ALA A 63 5.58 6.37 -0.85
C ALA A 63 6.57 5.45 -0.15
N ILE A 64 7.47 6.04 0.64
CA ILE A 64 8.48 5.30 1.39
C ILE A 64 8.00 5.10 2.81
N ASP A 65 8.32 3.94 3.38
CA ASP A 65 8.00 3.68 4.77
C ASP A 65 8.84 4.56 5.69
N TYR A 66 8.20 5.13 6.72
CA TYR A 66 8.87 6.06 7.62
C TYR A 66 10.01 5.41 8.40
N LYS A 67 10.09 4.07 8.41
CA LYS A 67 11.20 3.42 9.08
C LYS A 67 12.54 3.75 8.44
N HIS A 68 12.54 4.18 7.19
CA HIS A 68 13.76 4.54 6.47
C HIS A 68 14.07 6.03 6.57
N TYR A 69 13.36 6.76 7.42
CA TYR A 69 13.62 8.18 7.58
C TYR A 69 14.91 8.42 8.36
N THR A 70 15.71 9.37 7.89
CA THR A 70 16.92 9.81 8.54
C THR A 70 16.87 11.33 8.69
N PRO A 71 17.58 11.89 9.65
CA PRO A 71 17.58 13.36 9.80
C PRO A 71 18.01 14.09 8.55
N SER A 72 18.79 13.45 7.68
CA SER A 72 19.19 14.00 6.39
C SER A 72 17.99 14.28 5.50
N PHE A 73 16.85 13.63 5.73
CA PHE A 73 15.66 13.79 4.92
C PHE A 73 14.63 14.72 5.58
N LYS A 74 15.08 15.60 6.47
CA LYS A 74 14.15 16.43 7.23
C LYS A 74 13.41 17.42 6.34
N LYS A 75 14.06 17.91 5.29
CA LYS A 75 13.43 18.84 4.36
C LYS A 75 12.90 18.15 3.11
N GLY A 76 12.92 16.82 3.07
CA GLY A 76 12.44 16.07 1.95
C GLY A 76 13.45 15.04 1.47
N ALA A 77 12.98 14.20 0.55
CA ALA A 77 13.83 13.17 -0.03
C ALA A 77 13.31 12.83 -1.43
N LYS A 78 14.12 12.07 -2.15
CA LYS A 78 13.73 11.58 -3.48
C LYS A 78 14.44 10.26 -3.72
N LEU A 79 13.68 9.25 -4.15
CA LEU A 79 14.23 7.93 -4.43
C LEU A 79 14.51 7.86 -5.94
N LEU A 80 15.77 8.08 -6.31
CA LEU A 80 16.19 8.26 -7.70
C LEU A 80 15.14 9.05 -8.50
N HIS A 81 15.10 10.34 -8.28
CA HIS A 81 14.22 11.28 -8.98
C HIS A 81 12.69 11.21 -8.93
N LYS A 82 12.04 10.21 -8.36
CA LYS A 82 10.60 10.29 -8.20
C LYS A 82 10.34 10.80 -6.79
N PRO A 83 9.85 12.03 -6.62
CA PRO A 83 9.69 12.59 -5.28
C PRO A 83 8.92 11.63 -4.38
N ILE A 84 9.22 11.69 -3.10
CA ILE A 84 8.71 10.70 -2.16
C ILE A 84 7.86 11.36 -1.10
N VAL A 85 7.03 10.55 -0.46
CA VAL A 85 6.30 10.92 0.75
C VAL A 85 6.42 9.77 1.73
N TRP A 86 6.28 10.09 3.01
CA TRP A 86 6.43 9.10 4.07
C TRP A 86 5.08 8.54 4.47
N HIS A 87 5.09 7.29 4.92
CA HIS A 87 3.86 6.62 5.34
C HIS A 87 4.20 5.56 6.37
N VAL A 88 3.28 5.38 7.32
CA VAL A 88 3.35 4.29 8.28
C VAL A 88 2.10 3.44 8.10
N ASN A 89 2.29 2.18 7.70
CA ASN A 89 1.17 1.27 7.42
C ASN A 89 0.25 1.85 6.34
N ASN A 90 0.86 2.42 5.30
CA ASN A 90 0.15 2.97 4.15
C ASN A 90 -0.81 4.08 4.55
N ALA A 91 -0.45 4.87 5.56
CA ALA A 91 -1.27 5.98 6.01
C ALA A 91 -0.39 7.03 6.64
N THR A 92 -0.95 8.21 6.85
CA THR A 92 -0.27 9.32 7.48
C THR A 92 -0.64 9.38 8.95
N ASN A 93 0.38 9.55 9.81
CA ASN A 93 0.14 9.72 11.23
C ASN A 93 0.84 10.98 11.72
N LYS A 94 0.97 11.12 13.05
CA LYS A 94 1.61 12.30 13.62
C LYS A 94 3.13 12.27 13.49
N ALA A 95 3.72 11.12 13.17
CA ALA A 95 5.16 11.07 12.94
C ALA A 95 5.53 11.49 11.53
N THR A 96 4.70 11.12 10.55
CA THR A 96 4.99 11.46 9.15
C THR A 96 4.57 12.88 8.79
N TYR A 97 3.81 13.57 9.65
CA TYR A 97 3.25 14.86 9.27
C TYR A 97 4.34 15.87 8.93
N LYS A 98 5.22 16.16 9.89
CA LYS A 98 6.25 17.16 9.66
C LYS A 98 7.16 16.83 8.48
N PRO A 99 7.66 15.60 8.32
CA PRO A 99 8.45 15.31 7.10
C PRO A 99 7.62 15.39 5.83
N ASN A 100 6.33 15.06 5.87
CA ASN A 100 5.51 15.10 4.67
C ASN A 100 5.18 16.53 4.24
N THR A 101 5.07 17.46 5.18
CA THR A 101 4.86 18.86 4.81
C THR A 101 6.03 19.39 4.00
N TRP A 102 7.24 18.92 4.28
CA TRP A 102 8.39 19.28 3.46
C TRP A 102 8.35 18.57 2.12
N CYS A 103 7.98 17.29 2.12
CA CYS A 103 7.89 16.52 0.88
C CYS A 103 6.88 17.11 -0.08
N ILE A 104 5.81 17.72 0.44
CA ILE A 104 4.79 18.32 -0.42
C ILE A 104 5.33 19.58 -1.07
N ARG A 105 6.09 20.38 -0.33
CA ARG A 105 6.69 21.58 -0.89
C ARG A 105 7.80 21.26 -1.88
N CYS A 106 8.40 20.07 -1.78
CA CYS A 106 9.32 19.62 -2.82
C CYS A 106 8.63 19.37 -4.14
N LEU A 107 7.32 19.09 -4.10
CA LEU A 107 6.53 18.87 -5.30
C LEU A 107 6.06 20.16 -5.95
N TRP A 108 6.31 21.30 -5.33
CA TRP A 108 5.76 22.56 -5.82
C TRP A 108 6.40 22.94 -7.15
N SER A 109 5.56 23.18 -8.15
CA SER A 109 5.97 23.44 -9.52
C SER A 109 6.41 24.88 -9.73
N THR A 110 7.19 25.43 -8.80
CA THR A 110 7.89 26.69 -9.09
C THR A 110 8.94 26.47 -10.14
N LYS A 111 9.13 25.21 -10.56
CA LYS A 111 10.15 24.88 -11.57
C LYS A 111 9.74 25.50 -12.89
N PRO A 112 8.76 24.87 -13.54
CA PRO A 112 8.20 25.51 -14.75
C PRO A 112 7.31 26.70 -14.42
N VAL A 113 7.33 27.15 -13.16
CA VAL A 113 6.30 28.02 -12.57
C VAL A 113 5.03 28.11 -13.41
N THR B 2 -1.73 -1.62 -18.58
CA THR B 2 -0.71 -0.98 -17.76
C THR B 2 -0.53 -1.70 -16.43
N GLU B 3 -0.09 -2.95 -16.48
CA GLU B 3 0.10 -3.79 -15.30
C GLU B 3 -1.15 -3.79 -14.43
N GLN B 4 -2.31 -4.13 -14.96
CA GLN B 4 -3.48 -4.31 -14.09
C GLN B 4 -3.47 -5.77 -13.64
N PRO B 5 -4.18 -6.09 -12.55
CA PRO B 5 -4.22 -7.52 -12.22
C PRO B 5 -5.32 -8.09 -13.11
N ILE B 6 -4.97 -8.52 -14.32
CA ILE B 6 -6.02 -9.00 -15.24
C ILE B 6 -6.05 -10.51 -15.35
N ASP B 7 -4.99 -11.14 -14.88
CA ASP B 7 -4.87 -12.56 -14.91
C ASP B 7 -5.33 -13.20 -13.60
N LEU B 8 -6.44 -12.75 -13.03
CA LEU B 8 -6.97 -13.35 -11.81
C LEU B 8 -7.79 -14.57 -12.17
N VAL B 9 -7.52 -15.69 -11.50
CA VAL B 9 -8.26 -16.93 -11.74
C VAL B 9 -9.02 -17.29 -10.47
N PRO B 10 -10.22 -17.86 -10.59
CA PRO B 10 -10.99 -18.22 -9.39
C PRO B 10 -10.33 -19.39 -8.65
N ASN B 11 -10.53 -19.40 -7.34
CA ASN B 11 -10.02 -20.46 -6.49
C ASN B 11 -11.10 -20.87 -5.51
N GLN B 12 -10.84 -21.96 -4.77
CA GLN B 12 -11.80 -22.51 -3.83
C GLN B 12 -11.05 -23.31 -2.77
N PRO B 13 -11.43 -23.23 -1.51
CA PRO B 13 -10.83 -24.11 -0.51
C PRO B 13 -11.27 -25.55 -0.72
N TYR B 14 -10.39 -26.47 -0.37
CA TYR B 14 -10.77 -27.87 -0.49
C TYR B 14 -11.65 -28.27 0.70
N PRO B 15 -12.66 -29.11 0.46
CA PRO B 15 -13.60 -29.45 1.55
C PRO B 15 -12.94 -30.00 2.80
N ASN B 16 -11.80 -30.68 2.67
CA ASN B 16 -11.12 -31.26 3.83
C ASN B 16 -10.20 -30.24 4.50
N ALA B 17 -10.59 -28.97 4.50
CA ALA B 17 -9.71 -27.90 4.97
C ALA B 17 -9.78 -27.79 6.49
N SER B 18 -8.69 -28.16 7.14
CA SER B 18 -8.49 -27.89 8.56
C SER B 18 -7.61 -26.65 8.69
N PHE B 19 -8.01 -25.73 9.56
CA PHE B 19 -7.30 -24.46 9.68
C PHE B 19 -5.99 -24.66 10.41
N ASP B 20 -4.88 -24.51 9.69
CA ASP B 20 -3.56 -24.49 10.30
C ASP B 20 -3.35 -23.14 10.95
N ASN B 21 -3.03 -23.13 12.25
CA ASN B 21 -2.88 -21.88 12.97
C ASN B 21 -1.66 -21.11 12.51
N PHE B 22 -1.73 -20.50 11.33
CA PHE B 22 -0.63 -19.69 10.82
C PHE B 22 -0.81 -18.23 11.23
N LYS B 23 0.27 -17.46 11.07
CA LYS B 23 0.29 -16.04 11.42
C LYS B 23 0.53 -15.22 10.17
N PHE B 24 -0.35 -14.25 9.93
CA PHE B 24 -0.15 -13.30 8.85
C PHE B 24 0.84 -12.22 9.29
N VAL B 25 1.88 -12.01 8.50
CA VAL B 25 2.85 -10.96 8.76
C VAL B 25 2.90 -10.05 7.53
N CYS B 26 3.10 -8.76 7.79
CA CYS B 26 3.09 -7.76 6.73
C CYS B 26 3.94 -6.58 7.15
N ASP B 27 4.27 -5.73 6.18
CA ASP B 27 4.85 -4.44 6.50
C ASP B 27 3.80 -3.49 7.07
N ASN B 28 2.56 -3.60 6.58
CA ASN B 28 1.42 -2.91 7.16
C ASN B 28 0.92 -3.78 8.32
N ILE B 29 1.33 -3.43 9.54
CA ILE B 29 1.00 -4.26 10.69
C ILE B 29 -0.50 -4.22 10.98
N LYS B 30 -1.15 -3.09 10.69
CA LYS B 30 -2.59 -3.00 10.88
C LYS B 30 -3.33 -3.95 9.95
N PHE B 31 -2.84 -4.10 8.71
CA PHE B 31 -3.47 -5.03 7.78
C PHE B 31 -3.19 -6.48 8.16
N ALA B 32 -2.07 -6.75 8.83
CA ALA B 32 -1.74 -8.11 9.22
C ALA B 32 -2.50 -8.53 10.47
N ASP B 33 -2.49 -7.68 11.51
CA ASP B 33 -3.21 -8.00 12.73
C ASP B 33 -4.70 -8.06 12.48
N ASP B 34 -5.23 -7.17 11.63
CA ASP B 34 -6.63 -7.24 11.27
C ASP B 34 -6.95 -8.47 10.42
N LEU B 35 -5.95 -9.02 9.73
CA LEU B 35 -6.14 -10.32 9.09
C LEU B 35 -6.10 -11.46 10.10
N ASN B 36 -5.40 -11.25 11.22
CA ASN B 36 -5.44 -12.21 12.32
C ASN B 36 -6.76 -12.15 13.10
N GLN B 37 -7.56 -11.11 12.89
CA GLN B 37 -8.94 -11.10 13.38
C GLN B 37 -9.71 -12.28 12.80
N LEU B 38 -9.83 -12.31 11.47
CA LEU B 38 -10.61 -13.33 10.77
C LEU B 38 -9.99 -14.71 10.95
N THR B 39 -8.66 -14.77 11.05
CA THR B 39 -7.96 -16.04 11.09
C THR B 39 -8.13 -16.76 12.43
N GLY B 40 -8.23 -16.02 13.52
CA GLY B 40 -8.29 -16.64 14.83
C GLY B 40 -6.96 -17.16 15.32
N TYR B 41 -5.86 -16.59 14.83
CA TYR B 41 -4.54 -17.08 15.18
C TYR B 41 -4.21 -16.75 16.63
N LYS B 42 -3.61 -17.71 17.33
CA LYS B 42 -3.09 -17.50 18.66
C LYS B 42 -1.64 -17.96 18.69
N LYS B 43 -0.82 -17.26 19.48
CA LYS B 43 0.60 -17.55 19.54
C LYS B 43 0.83 -18.98 20.02
N PRO B 44 1.73 -19.75 19.37
CA PRO B 44 2.40 -19.28 18.16
C PRO B 44 1.80 -19.82 16.88
N ALA B 45 2.32 -19.33 15.76
CA ALA B 45 1.90 -19.80 14.45
C ALA B 45 2.51 -21.16 14.14
N SER B 46 1.85 -21.88 13.23
CA SER B 46 2.51 -23.00 12.59
C SER B 46 3.55 -22.51 11.58
N ARG B 47 3.31 -21.35 10.99
CA ARG B 47 4.14 -20.78 9.93
C ARG B 47 3.76 -19.33 9.74
N GLU B 48 4.69 -18.54 9.22
CA GLU B 48 4.47 -17.13 8.96
C GLU B 48 4.23 -16.93 7.46
N LEU B 49 3.09 -16.34 7.12
CA LEU B 49 2.74 -16.05 5.74
C LEU B 49 2.94 -14.56 5.47
N LYS B 50 3.84 -14.24 4.55
CA LYS B 50 4.16 -12.85 4.25
C LYS B 50 3.15 -12.28 3.27
N VAL B 51 2.68 -11.06 3.54
CA VAL B 51 1.71 -10.37 2.70
C VAL B 51 2.39 -9.16 2.08
N THR B 52 2.32 -9.07 0.76
CA THR B 52 2.84 -7.92 0.02
C THR B 52 1.75 -7.44 -0.94
N PHE B 53 1.51 -6.13 -0.95
CA PHE B 53 0.44 -5.58 -1.78
C PHE B 53 0.84 -5.58 -3.25
N PHE B 54 -0.16 -5.77 -4.11
CA PHE B 54 0.07 -5.69 -5.55
C PHE B 54 0.60 -4.29 -5.89
N PRO B 55 1.55 -4.17 -6.82
CA PRO B 55 2.15 -5.24 -7.63
C PRO B 55 3.42 -5.88 -7.05
N ASP B 56 3.54 -5.95 -5.73
CA ASP B 56 4.64 -6.63 -5.08
C ASP B 56 4.20 -8.04 -4.72
N LEU B 57 4.83 -9.04 -5.37
CA LEU B 57 4.49 -10.44 -5.15
C LEU B 57 5.64 -11.21 -4.50
N ASN B 58 6.56 -10.51 -3.83
CA ASN B 58 7.65 -11.18 -3.14
C ASN B 58 7.16 -11.95 -1.92
N GLY B 59 5.98 -11.62 -1.41
CA GLY B 59 5.43 -12.32 -0.26
C GLY B 59 4.67 -13.58 -0.65
N ASP B 60 4.35 -14.38 0.37
CA ASP B 60 3.62 -15.61 0.13
C ASP B 60 2.19 -15.35 -0.32
N VAL B 61 1.58 -14.26 0.15
CA VAL B 61 0.22 -13.89 -0.22
C VAL B 61 0.27 -12.54 -0.92
N VAL B 62 -0.63 -12.36 -1.88
CA VAL B 62 -0.68 -11.15 -2.70
C VAL B 62 -1.98 -10.42 -2.39
N ALA B 63 -1.87 -9.25 -1.76
CA ALA B 63 -3.05 -8.45 -1.45
C ALA B 63 -3.50 -7.70 -2.70
N ILE B 64 -4.75 -7.92 -3.12
CA ILE B 64 -5.31 -7.32 -4.32
C ILE B 64 -6.39 -6.32 -3.90
N ASP B 65 -6.46 -5.21 -4.64
CA ASP B 65 -7.51 -4.23 -4.38
C ASP B 65 -8.88 -4.83 -4.66
N TYR B 66 -9.87 -4.43 -3.85
CA TYR B 66 -11.21 -4.99 -3.97
C TYR B 66 -11.92 -4.56 -5.24
N LYS B 67 -11.43 -3.53 -5.93
CA LYS B 67 -12.11 -3.05 -7.13
C LYS B 67 -12.08 -4.07 -8.26
N HIS B 68 -11.22 -5.08 -8.17
CA HIS B 68 -11.17 -6.16 -9.15
C HIS B 68 -12.00 -7.36 -8.74
N TYR B 69 -12.63 -7.32 -7.57
CA TYR B 69 -13.44 -8.45 -7.11
C TYR B 69 -14.74 -8.53 -7.90
N THR B 70 -15.00 -9.71 -8.45
CA THR B 70 -16.25 -10.03 -9.13
C THR B 70 -16.83 -11.28 -8.49
N PRO B 71 -18.11 -11.57 -8.71
CA PRO B 71 -18.68 -12.80 -8.17
C PRO B 71 -17.99 -14.08 -8.62
N SER B 72 -17.08 -14.02 -9.60
CA SER B 72 -16.36 -15.24 -9.96
C SER B 72 -15.32 -15.61 -8.91
N PHE B 73 -14.75 -14.61 -8.22
CA PHE B 73 -13.77 -14.83 -7.16
C PHE B 73 -14.40 -14.81 -5.76
N LYS B 74 -15.66 -15.26 -5.63
CA LYS B 74 -16.32 -15.18 -4.34
C LYS B 74 -15.70 -16.14 -3.34
N LYS B 75 -15.50 -17.40 -3.76
CA LYS B 75 -14.94 -18.42 -2.89
C LYS B 75 -13.42 -18.49 -2.96
N GLY B 76 -12.77 -17.38 -3.26
CA GLY B 76 -11.32 -17.32 -3.34
C GLY B 76 -10.84 -17.03 -4.75
N ALA B 77 -9.55 -16.70 -4.83
CA ALA B 77 -8.91 -16.41 -6.10
C ALA B 77 -7.41 -16.59 -5.97
N LYS B 78 -6.73 -16.54 -7.09
CA LYS B 78 -5.27 -16.65 -7.14
C LYS B 78 -4.77 -15.84 -8.32
N LEU B 79 -3.53 -15.36 -8.21
CA LEU B 79 -2.87 -14.61 -9.28
C LEU B 79 -1.58 -15.32 -9.62
N LEU B 80 -1.56 -15.99 -10.77
CA LEU B 80 -0.42 -16.79 -11.21
C LEU B 80 0.02 -17.77 -10.12
N HIS B 81 -0.94 -18.57 -9.66
CA HIS B 81 -0.74 -19.66 -8.72
C HIS B 81 -0.29 -19.20 -7.34
N LYS B 82 -0.50 -17.92 -7.02
CA LYS B 82 -0.20 -17.41 -5.69
C LYS B 82 -1.49 -17.02 -4.99
N PRO B 83 -1.70 -17.44 -3.75
CA PRO B 83 -2.93 -17.09 -3.06
C PRO B 83 -2.99 -15.60 -2.74
N ILE B 84 -4.23 -15.09 -2.69
CA ILE B 84 -4.46 -13.66 -2.59
C ILE B 84 -5.33 -13.35 -1.37
N VAL B 85 -5.36 -12.07 -1.01
CA VAL B 85 -6.31 -11.52 -0.06
C VAL B 85 -6.81 -10.19 -0.63
N TRP B 86 -8.02 -9.81 -0.23
CA TRP B 86 -8.59 -8.55 -0.68
C TRP B 86 -8.30 -7.44 0.32
N HIS B 87 -8.17 -6.22 -0.19
CA HIS B 87 -7.89 -5.06 0.65
C HIS B 87 -8.51 -3.83 0.04
N VAL B 88 -9.04 -2.96 0.90
CA VAL B 88 -9.54 -1.64 0.51
C VAL B 88 -8.70 -0.61 1.26
N ASN B 89 -7.97 0.22 0.51
CA ASN B 89 -7.04 1.19 1.09
C ASN B 89 -6.04 0.51 2.00
N ASN B 90 -5.53 -0.64 1.56
CA ASN B 90 -4.55 -1.43 2.30
C ASN B 90 -5.08 -1.85 3.68
N ALA B 91 -6.37 -2.16 3.75
CA ALA B 91 -6.98 -2.41 5.04
C ALA B 91 -8.07 -3.47 4.92
N THR B 92 -8.50 -3.96 6.08
CA THR B 92 -9.58 -4.93 6.21
C THR B 92 -10.82 -4.20 6.73
N ASN B 93 -11.72 -3.86 5.83
CA ASN B 93 -12.97 -3.24 6.26
C ASN B 93 -14.07 -4.32 6.30
N LYS B 94 -15.33 -3.89 6.25
CA LYS B 94 -16.43 -4.84 6.24
C LYS B 94 -16.83 -5.27 4.84
N ALA B 95 -16.57 -4.42 3.83
CA ALA B 95 -16.84 -4.80 2.46
C ALA B 95 -15.94 -5.94 1.99
N THR B 96 -14.79 -6.12 2.62
CA THR B 96 -13.88 -7.22 2.30
C THR B 96 -13.87 -8.30 3.38
N TYR B 97 -14.76 -8.23 4.36
CA TYR B 97 -14.79 -9.25 5.41
C TYR B 97 -15.14 -10.61 4.82
N LYS B 98 -16.29 -10.70 4.15
CA LYS B 98 -16.75 -11.95 3.58
C LYS B 98 -15.95 -12.35 2.33
N PRO B 99 -15.62 -11.42 1.42
CA PRO B 99 -14.72 -11.81 0.32
C PRO B 99 -13.39 -12.35 0.80
N ASN B 100 -12.93 -11.96 1.99
CA ASN B 100 -11.68 -12.45 2.52
C ASN B 100 -11.83 -13.69 3.39
N THR B 101 -13.02 -14.01 3.88
CA THR B 101 -13.05 -15.28 4.59
C THR B 101 -13.22 -16.46 3.66
N TRP B 102 -13.11 -16.25 2.34
CA TRP B 102 -12.88 -17.33 1.41
C TRP B 102 -11.43 -17.45 0.99
N CYS B 103 -10.67 -16.35 1.06
CA CYS B 103 -9.27 -16.41 0.69
C CYS B 103 -8.43 -17.06 1.79
N ILE B 104 -8.72 -16.77 3.07
CA ILE B 104 -8.07 -17.52 4.13
C ILE B 104 -8.52 -18.97 4.13
N ARG B 105 -9.70 -19.25 3.55
CA ARG B 105 -10.15 -20.63 3.41
C ARG B 105 -9.29 -21.39 2.41
N CYS B 106 -8.93 -20.75 1.29
CA CYS B 106 -7.97 -21.32 0.36
C CYS B 106 -6.58 -21.48 0.97
N LEU B 107 -6.34 -20.88 2.14
CA LEU B 107 -5.04 -20.94 2.80
C LEU B 107 -4.97 -21.99 3.89
N TRP B 108 -6.10 -22.61 4.24
CA TRP B 108 -6.07 -23.67 5.24
C TRP B 108 -5.22 -24.83 4.76
N SER B 109 -4.83 -25.69 5.71
CA SER B 109 -3.65 -26.50 5.44
C SER B 109 -3.93 -27.74 4.61
N THR B 110 -5.19 -27.98 4.24
CA THR B 110 -5.55 -29.05 3.31
C THR B 110 -4.63 -29.10 2.09
#